data_5N1G
#
_entry.id   5N1G
#
_cell.length_a   51.498
_cell.length_b   71.293
_cell.length_c   97.963
_cell.angle_alpha   90.00
_cell.angle_beta   90.00
_cell.angle_gamma   90.00
#
_symmetry.space_group_name_H-M   'P 21 21 21'
#
loop_
_entity.id
_entity.type
_entity.pdbx_description
1 polymer 'cAMP-dependent protein kinase catalytic subunit alpha'
2 non-polymer (4R)-2-METHYLPENTANE-2,4-DIOL
3 non-polymer (4S)-2-METHYL-2,4-PENTANEDIOL
4 non-polymer (4R)-4-(2-amino-1,3-thiazol-4-yl)-1-oxaspiro[4.5]decan-2-one
5 non-polymer 'DIMETHYL SULFOXIDE'
6 water water
#
_entity_poly.entity_id   1
_entity_poly.type   'polypeptide(L)'
_entity_poly.pdbx_seq_one_letter_code
;GHMGNAAAAKKG(SEP)EQESVKEFLAKAKEEFLKKWESPSQNTAQLDHFDRIKTLGTGSFGRVMLVKHKETGNHYAMKI
LDKQKVVKLKQIEHTLNEKRILQAVNFPFLVKLEFSFKDNSNLYMVMEYVPGGEMFSHLRRIGRF(SEP)EPHARFYAAQ
IVLTFEYLHSLDLIYRDLKPENLLIDQQGYIQVTDFGFAKRVKGRTW(TPO)LCGTPEYLAPEIILSKGYNKAVDWWALG
VLIYEMAAGYPPFFADQPIQIYEKIVSGKVRFPSHFSSDLKDLLRNLLQVDLTKRFGNLKNGVNDIKNHKWFATTDWIAI
YQRKVEAPFIPKFKGPGDTSNFDDYEEEEIRV(SEP)INEKCGKEFTEF
;
_entity_poly.pdbx_strand_id   A
#
loop_
_chem_comp.id
_chem_comp.type
_chem_comp.name
_chem_comp.formula
8G5 non-polymer (4R)-4-(2-amino-1,3-thiazol-4-yl)-1-oxaspiro[4.5]decan-2-one 'C12 H16 N2 O2 S'
DMS non-polymer 'DIMETHYL SULFOXIDE' 'C2 H6 O S'
MPD non-polymer (4S)-2-METHYL-2,4-PENTANEDIOL 'C6 H14 O2'
MRD non-polymer (4R)-2-METHYLPENTANE-2,4-DIOL 'C6 H14 O2'
#
# COMPACT_ATOMS: atom_id res chain seq x y z
N GLU A 14 11.67 -13.65 20.26
CA GLU A 14 11.74 -13.74 18.80
C GLU A 14 12.95 -14.56 18.38
N GLN A 15 12.82 -15.34 17.32
CA GLN A 15 13.98 -16.08 16.83
C GLN A 15 15.10 -15.09 16.55
N GLU A 16 16.31 -15.40 17.03
CA GLU A 16 17.44 -14.53 16.76
C GLU A 16 17.56 -14.27 15.27
N SER A 17 17.15 -15.22 14.44
CA SER A 17 17.21 -15.01 13.00
C SER A 17 16.38 -13.80 12.58
N VAL A 18 15.15 -13.69 13.10
CA VAL A 18 14.28 -12.56 12.76
C VAL A 18 14.86 -11.28 13.34
N LYS A 19 15.35 -11.33 14.58
CA LYS A 19 15.93 -10.14 15.20
C LYS A 19 17.08 -9.62 14.36
N GLU A 20 17.98 -10.51 13.94
CA GLU A 20 19.14 -10.05 13.19
C GLU A 20 18.74 -9.56 11.80
N PHE A 21 17.75 -10.21 11.16
CA PHE A 21 17.25 -9.72 9.89
C PHE A 21 16.73 -8.30 10.03
N LEU A 22 15.88 -8.08 11.03
CA LEU A 22 15.29 -6.76 11.23
C LEU A 22 16.32 -5.72 11.63
N ALA A 23 17.34 -6.11 12.38
CA ALA A 23 18.39 -5.15 12.73
C ALA A 23 19.12 -4.66 11.48
N LYS A 24 19.44 -5.59 10.57
CA LYS A 24 20.10 -5.21 9.31
C LYS A 24 19.16 -4.37 8.47
N ALA A 25 17.87 -4.75 8.41
CA ALA A 25 16.92 -3.98 7.63
C ALA A 25 16.86 -2.55 8.12
N LYS A 26 16.90 -2.36 9.44
CA LYS A 26 16.81 -1.01 9.99
C LYS A 26 18.09 -0.22 9.73
N GLU A 27 19.24 -0.86 9.86
CA GLU A 27 20.50 -0.20 9.53
C GLU A 27 20.48 0.32 8.11
N GLU A 28 20.04 -0.52 7.17
CA GLU A 28 20.09 -0.14 5.76
C GLU A 28 19.10 0.95 5.46
N PHE A 29 17.90 0.86 6.05
CA PHE A 29 16.91 1.91 5.92
C PHE A 29 17.44 3.22 6.45
N LEU A 30 18.02 3.22 7.65
CA LEU A 30 18.45 4.47 8.28
C LEU A 30 19.54 5.15 7.49
N LYS A 31 20.45 4.40 6.87
CA LYS A 31 21.50 5.05 6.08
C LYS A 31 20.89 5.85 4.92
N LYS A 32 19.91 5.27 4.22
CA LYS A 32 19.26 5.99 3.14
C LYS A 32 18.32 7.07 3.65
N TRP A 33 17.65 6.83 4.78
CA TRP A 33 16.76 7.81 5.38
C TRP A 33 17.51 9.10 5.71
N GLU A 34 18.72 8.96 6.25
CA GLU A 34 19.50 10.11 6.68
C GLU A 34 20.14 10.84 5.53
N SER A 35 20.38 10.19 4.39
CA SER A 35 21.00 10.81 3.24
C SER A 35 20.21 10.46 1.98
N PRO A 36 19.03 11.06 1.78
CA PRO A 36 18.17 10.60 0.68
C PRO A 36 18.74 10.91 -0.69
N SER A 37 18.47 10.01 -1.63
CA SER A 37 18.81 10.31 -3.01
C SER A 37 17.86 11.38 -3.55
N GLN A 38 18.33 12.12 -4.54
CA GLN A 38 17.59 13.22 -5.14
C GLN A 38 18.00 13.35 -6.60
N ASN A 39 17.03 13.72 -7.45
CA ASN A 39 17.36 14.20 -8.79
C ASN A 39 18.10 13.14 -9.62
N THR A 40 17.53 11.94 -9.71
CA THR A 40 18.24 10.80 -10.30
C THR A 40 17.78 10.48 -11.73
N ALA A 41 16.89 11.27 -12.30
CA ALA A 41 16.53 11.21 -13.72
C ALA A 41 15.90 12.54 -14.09
N GLN A 42 15.37 12.63 -15.32
CA GLN A 42 14.65 13.82 -15.75
C GLN A 42 13.58 13.38 -16.74
N LEU A 43 12.60 14.26 -16.96
CA LEU A 43 11.40 13.87 -17.69
C LEU A 43 11.69 13.45 -19.11
N ASP A 44 12.62 14.15 -19.79
CA ASP A 44 12.87 13.85 -21.19
C ASP A 44 13.73 12.61 -21.39
N HIS A 45 14.02 11.87 -20.32
CA HIS A 45 14.56 10.53 -20.46
C HIS A 45 13.50 9.50 -20.80
N PHE A 46 12.22 9.88 -20.78
CA PHE A 46 11.11 8.94 -20.88
C PHE A 46 10.15 9.34 -21.98
N ASP A 47 9.49 8.33 -22.56
CA ASP A 47 8.32 8.46 -23.40
C ASP A 47 7.09 8.14 -22.57
N ARG A 48 6.03 8.90 -22.78
CA ARG A 48 4.75 8.61 -22.14
C ARG A 48 3.97 7.60 -22.97
N ILE A 49 3.37 6.64 -22.29
N ILE A 49 3.34 6.65 -22.30
CA ILE A 49 2.60 5.58 -22.93
CA ILE A 49 2.55 5.61 -22.95
C ILE A 49 1.10 5.71 -22.65
C ILE A 49 1.07 5.75 -22.65
N LYS A 50 0.70 5.75 -21.37
CA LYS A 50 -0.71 5.68 -21.02
C LYS A 50 -0.91 6.15 -19.58
N THR A 51 -2.01 6.86 -19.33
CA THR A 51 -2.41 7.19 -17.97
C THR A 51 -3.05 5.98 -17.32
N LEU A 52 -2.53 5.56 -16.17
CA LEU A 52 -3.06 4.41 -15.43
C LEU A 52 -3.91 4.80 -14.25
N GLY A 53 -3.85 6.04 -13.79
CA GLY A 53 -4.67 6.49 -12.69
C GLY A 53 -4.58 7.98 -12.54
N THR A 54 -5.60 8.62 -11.97
N THR A 54 -5.62 8.59 -11.98
CA THR A 54 -5.60 10.07 -11.87
CA THR A 54 -5.67 10.02 -11.80
C THR A 54 -6.49 10.49 -10.70
C THR A 54 -6.35 10.31 -10.48
N GLY A 55 -6.00 11.45 -9.91
CA GLY A 55 -6.65 11.92 -8.70
C GLY A 55 -6.61 13.43 -8.59
N SER A 56 -6.87 13.92 -7.38
CA SER A 56 -7.04 15.36 -7.22
C SER A 56 -5.71 16.10 -7.29
N PHE A 57 -4.57 15.45 -7.04
CA PHE A 57 -3.31 16.17 -7.10
C PHE A 57 -2.22 15.43 -7.84
N GLY A 58 -2.52 14.25 -8.40
CA GLY A 58 -1.52 13.50 -9.11
C GLY A 58 -2.11 12.50 -10.07
N ARG A 59 -1.20 11.80 -10.74
CA ARG A 59 -1.51 10.78 -11.72
C ARG A 59 -0.42 9.72 -11.66
N VAL A 60 -0.73 8.55 -12.19
CA VAL A 60 0.28 7.53 -12.48
C VAL A 60 0.25 7.28 -13.97
N MET A 61 1.40 7.38 -14.62
N MET A 61 1.43 7.37 -14.59
CA MET A 61 1.51 7.19 -16.05
CA MET A 61 1.64 7.23 -16.02
C MET A 61 2.51 6.10 -16.37
C MET A 61 2.50 6.00 -16.26
N LEU A 62 2.14 5.18 -17.24
CA LEU A 62 3.09 4.24 -17.80
C LEU A 62 4.03 5.02 -18.72
N VAL A 63 5.33 4.86 -18.48
CA VAL A 63 6.36 5.48 -19.30
C VAL A 63 7.38 4.40 -19.70
N LYS A 64 8.17 4.74 -20.72
CA LYS A 64 9.25 3.88 -21.18
C LYS A 64 10.53 4.71 -21.20
N HIS A 65 11.57 4.19 -20.58
CA HIS A 65 12.88 4.84 -20.65
C HIS A 65 13.44 4.74 -22.07
N LYS A 66 13.83 5.87 -22.64
CA LYS A 66 14.19 5.92 -24.07
C LYS A 66 15.50 5.24 -24.39
N GLU A 67 16.39 5.07 -23.42
CA GLU A 67 17.67 4.43 -23.64
C GLU A 67 17.65 2.95 -23.29
N THR A 68 17.03 2.56 -22.19
CA THR A 68 17.05 1.16 -21.78
C THR A 68 15.85 0.37 -22.29
N GLY A 69 14.76 1.05 -22.65
CA GLY A 69 13.54 0.38 -23.01
C GLY A 69 12.72 -0.12 -21.85
N ASN A 70 13.16 0.11 -20.61
CA ASN A 70 12.38 -0.38 -19.47
C ASN A 70 11.11 0.45 -19.28
N HIS A 71 10.06 -0.23 -18.86
CA HIS A 71 8.81 0.41 -18.47
C HIS A 71 8.81 0.74 -16.99
N TYR A 72 8.14 1.84 -16.66
CA TYR A 72 7.97 2.31 -15.29
C TYR A 72 6.59 2.91 -15.10
N ALA A 73 6.12 2.89 -13.85
CA ALA A 73 4.91 3.60 -13.44
C ALA A 73 5.35 4.90 -12.77
N MET A 74 5.21 6.00 -13.49
CA MET A 74 5.66 7.32 -13.05
C MET A 74 4.51 8.04 -12.35
N LYS A 75 4.68 8.29 -11.07
CA LYS A 75 3.74 9.07 -10.30
C LYS A 75 4.13 10.53 -10.41
N ILE A 76 3.19 11.34 -10.89
CA ILE A 76 3.40 12.76 -11.18
C ILE A 76 2.49 13.55 -10.26
N LEU A 77 3.05 14.37 -9.39
CA LEU A 77 2.28 15.17 -8.46
C LEU A 77 2.43 16.65 -8.80
N ASP A 78 1.29 17.34 -8.92
CA ASP A 78 1.28 18.77 -9.23
C ASP A 78 1.53 19.55 -7.95
N LYS A 79 2.68 20.23 -7.90
CA LYS A 79 3.08 20.92 -6.67
C LYS A 79 2.02 21.88 -6.17
N GLN A 80 1.41 22.66 -7.06
CA GLN A 80 0.41 23.63 -6.60
C GLN A 80 -0.79 22.94 -5.98
N LYS A 81 -1.21 21.81 -6.54
CA LYS A 81 -2.37 21.10 -5.99
C LYS A 81 -2.01 20.38 -4.69
N VAL A 82 -0.78 19.88 -4.60
CA VAL A 82 -0.33 19.28 -3.35
C VAL A 82 -0.42 20.30 -2.23
N VAL A 83 0.05 21.53 -2.50
CA VAL A 83 -0.02 22.60 -1.50
C VAL A 83 -1.48 22.90 -1.15
N LYS A 84 -2.34 23.06 -2.16
CA LYS A 84 -3.73 23.44 -1.90
C LYS A 84 -4.45 22.38 -1.07
N LEU A 85 -4.16 21.11 -1.31
CA LEU A 85 -4.82 20.02 -0.60
C LEU A 85 -4.06 19.54 0.62
N LYS A 86 -3.07 20.31 1.07
CA LYS A 86 -2.40 20.09 2.36
C LYS A 86 -1.67 18.75 2.40
N GLN A 87 -1.07 18.41 1.27
CA GLN A 87 -0.33 17.17 1.14
C GLN A 87 1.18 17.37 1.11
N ILE A 88 1.72 18.55 1.48
CA ILE A 88 3.17 18.77 1.32
C ILE A 88 3.96 17.72 2.09
N GLU A 89 3.74 17.65 3.42
CA GLU A 89 4.49 16.72 4.24
C GLU A 89 4.28 15.30 3.79
N HIS A 90 3.06 14.96 3.39
CA HIS A 90 2.77 13.61 2.93
C HIS A 90 3.57 13.26 1.70
N THR A 91 3.69 14.18 0.73
CA THR A 91 4.46 13.87 -0.48
C THR A 91 5.94 13.74 -0.14
N LEU A 92 6.43 14.58 0.79
CA LEU A 92 7.82 14.44 1.22
C LEU A 92 8.06 13.13 1.96
N ASN A 93 7.11 12.72 2.80
CA ASN A 93 7.15 11.41 3.46
C ASN A 93 7.26 10.31 2.40
N GLU A 94 6.34 10.34 1.43
CA GLU A 94 6.25 9.25 0.46
C GLU A 94 7.60 9.04 -0.20
N LYS A 95 8.20 10.12 -0.72
CA LYS A 95 9.45 9.95 -1.46
C LYS A 95 10.61 9.57 -0.53
N ARG A 96 10.72 10.21 0.64
CA ARG A 96 11.85 9.90 1.51
C ARG A 96 11.78 8.46 1.99
N ILE A 97 10.59 7.97 2.30
CA ILE A 97 10.42 6.59 2.72
C ILE A 97 10.74 5.65 1.56
N LEU A 98 10.12 5.88 0.40
CA LEU A 98 10.31 4.95 -0.71
C LEU A 98 11.75 4.83 -1.15
N GLN A 99 12.51 5.93 -1.14
CA GLN A 99 13.91 5.82 -1.55
C GLN A 99 14.75 5.07 -0.52
N ALA A 100 14.23 4.84 0.68
CA ALA A 100 14.98 4.20 1.75
C ALA A 100 14.58 2.74 2.04
N VAL A 101 13.41 2.29 1.61
CA VAL A 101 12.96 0.93 1.94
C VAL A 101 13.40 -0.07 0.87
N ASN A 102 13.31 -1.34 1.25
CA ASN A 102 13.72 -2.45 0.39
C ASN A 102 13.05 -3.70 0.94
N PHE A 103 12.01 -4.20 0.26
CA PHE A 103 11.33 -5.40 0.71
C PHE A 103 10.65 -6.04 -0.49
N PRO A 104 10.50 -7.38 -0.52
CA PRO A 104 10.03 -8.02 -1.76
C PRO A 104 8.64 -7.63 -2.16
N PHE A 105 7.81 -7.24 -1.20
CA PHE A 105 6.39 -6.98 -1.44
C PHE A 105 6.07 -5.48 -1.46
N LEU A 106 7.07 -4.64 -1.69
CA LEU A 106 6.88 -3.21 -1.90
C LEU A 106 7.34 -2.84 -3.31
N VAL A 107 6.49 -2.14 -4.08
CA VAL A 107 6.92 -1.63 -5.38
C VAL A 107 8.16 -0.74 -5.17
N LYS A 108 9.18 -0.96 -5.98
CA LYS A 108 10.45 -0.27 -5.87
C LYS A 108 10.45 1.08 -6.57
N LEU A 109 10.95 2.09 -5.88
N LEU A 109 11.04 2.07 -5.90
CA LEU A 109 11.30 3.37 -6.49
CA LEU A 109 11.29 3.39 -6.49
C LEU A 109 12.61 3.20 -7.23
C LEU A 109 12.62 3.37 -7.21
N GLU A 110 12.63 3.63 -8.49
N GLU A 110 12.59 3.57 -8.53
CA GLU A 110 13.83 3.56 -9.31
CA GLU A 110 13.79 3.56 -9.35
C GLU A 110 14.47 4.93 -9.55
C GLU A 110 14.45 4.94 -9.40
N PHE A 111 13.68 5.99 -9.68
CA PHE A 111 14.21 7.34 -9.84
C PHE A 111 13.25 8.32 -9.18
N SER A 112 13.74 9.51 -8.84
CA SER A 112 12.86 10.61 -8.49
C SER A 112 13.51 11.89 -8.95
N PHE A 113 12.67 12.92 -9.16
CA PHE A 113 13.12 14.24 -9.59
C PHE A 113 11.92 15.17 -9.53
N LYS A 114 12.21 16.46 -9.69
CA LYS A 114 11.18 17.48 -9.73
C LYS A 114 11.53 18.47 -10.83
N ASP A 115 10.54 19.28 -11.22
CA ASP A 115 10.76 20.36 -12.16
C ASP A 115 9.93 21.56 -11.70
N ASN A 116 9.75 22.55 -12.57
CA ASN A 116 9.08 23.76 -12.12
C ASN A 116 7.68 23.48 -11.61
N SER A 117 6.99 22.46 -12.14
CA SER A 117 5.59 22.24 -11.83
C SER A 117 5.31 21.01 -10.98
N ASN A 118 6.07 19.93 -11.17
CA ASN A 118 5.67 18.62 -10.67
C ASN A 118 6.78 17.96 -9.86
N LEU A 119 6.36 17.00 -9.05
CA LEU A 119 7.21 15.99 -8.42
C LEU A 119 7.01 14.69 -9.17
N TYR A 120 8.09 13.90 -9.28
CA TYR A 120 8.05 12.64 -10.02
C TYR A 120 8.69 11.53 -9.19
N MET A 121 7.96 10.42 -9.05
CA MET A 121 8.48 9.19 -8.48
C MET A 121 8.32 8.10 -9.53
N VAL A 122 9.44 7.60 -10.03
CA VAL A 122 9.43 6.63 -11.12
C VAL A 122 9.59 5.26 -10.49
N MET A 123 8.50 4.50 -10.47
CA MET A 123 8.38 3.21 -9.80
C MET A 123 8.49 2.10 -10.84
N GLU A 124 8.90 0.92 -10.39
N GLU A 124 8.90 0.92 -10.40
CA GLU A 124 8.73 -0.24 -11.26
CA GLU A 124 8.71 -0.26 -11.23
C GLU A 124 7.27 -0.43 -11.60
C GLU A 124 7.24 -0.39 -11.61
N TYR A 125 7.00 -0.89 -12.82
CA TYR A 125 5.64 -1.10 -13.32
C TYR A 125 5.24 -2.55 -13.10
N VAL A 126 4.19 -2.77 -12.32
CA VAL A 126 3.69 -4.09 -12.01
C VAL A 126 2.46 -4.35 -12.88
N PRO A 127 2.53 -5.21 -13.88
CA PRO A 127 1.52 -5.20 -14.95
C PRO A 127 0.26 -6.00 -14.65
N GLY A 128 0.20 -6.72 -13.55
CA GLY A 128 -0.91 -7.62 -13.35
C GLY A 128 -2.20 -7.00 -12.87
N GLY A 129 -2.19 -5.72 -12.53
CA GLY A 129 -3.39 -5.05 -12.08
C GLY A 129 -3.53 -5.02 -10.57
N GLU A 130 -4.49 -4.23 -10.13
CA GLU A 130 -4.86 -4.17 -8.73
C GLU A 130 -5.50 -5.46 -8.26
N MET A 131 -5.19 -5.85 -7.01
N MET A 131 -5.20 -5.84 -7.02
CA MET A 131 -5.93 -6.93 -6.40
CA MET A 131 -5.93 -6.95 -6.42
C MET A 131 -7.42 -6.67 -6.50
C MET A 131 -7.42 -6.69 -6.42
N PHE A 132 -7.82 -5.42 -6.29
CA PHE A 132 -9.23 -5.05 -6.32
C PHE A 132 -9.92 -5.53 -7.58
N SER A 133 -9.30 -5.33 -8.75
N SER A 133 -9.29 -5.38 -8.75
CA SER A 133 -9.90 -5.77 -10.00
CA SER A 133 -9.94 -5.79 -9.99
C SER A 133 -10.16 -7.28 -9.97
C SER A 133 -10.12 -7.29 -10.04
N HIS A 134 -9.13 -8.04 -9.58
CA HIS A 134 -9.25 -9.49 -9.57
C HIS A 134 -10.30 -9.97 -8.57
N LEU A 135 -10.35 -9.34 -7.40
CA LEU A 135 -11.35 -9.66 -6.41
C LEU A 135 -12.75 -9.44 -6.95
N ARG A 136 -12.96 -8.29 -7.59
N ARG A 136 -12.96 -8.30 -7.60
CA ARG A 136 -14.28 -7.98 -8.12
CA ARG A 136 -14.29 -7.98 -8.11
C ARG A 136 -14.63 -8.90 -9.28
C ARG A 136 -14.64 -8.81 -9.34
N ARG A 137 -13.64 -9.29 -10.09
CA ARG A 137 -13.89 -10.21 -11.19
C ARG A 137 -14.42 -11.55 -10.67
N ILE A 138 -13.75 -12.13 -9.67
CA ILE A 138 -14.10 -13.47 -9.23
C ILE A 138 -15.12 -13.51 -8.10
N GLY A 139 -15.36 -12.39 -7.44
CA GLY A 139 -16.34 -12.27 -6.38
C GLY A 139 -15.72 -12.31 -5.01
N ARG A 140 -15.12 -13.44 -4.66
N ARG A 140 -15.14 -13.45 -4.66
CA ARG A 140 -14.37 -13.54 -3.40
CA ARG A 140 -14.38 -13.54 -3.41
C ARG A 140 -13.27 -14.57 -3.60
C ARG A 140 -13.25 -14.55 -3.62
N PHE A 141 -12.24 -14.45 -2.78
CA PHE A 141 -11.13 -15.39 -2.80
C PHE A 141 -11.41 -16.49 -1.78
N SEP A 142 -10.97 -17.71 -2.07
CA SEP A 142 -11.00 -18.78 -1.07
CB SEP A 142 -10.54 -20.10 -1.71
OG SEP A 142 -9.13 -20.03 -1.97
C SEP A 142 -10.09 -18.41 0.09
O SEP A 142 -9.22 -17.53 0.00
P SEP A 142 -8.46 -21.19 -2.86
O1P SEP A 142 -9.17 -21.00 -4.26
O2P SEP A 142 -6.95 -20.83 -2.95
O3P SEP A 142 -8.81 -22.54 -2.30
H SEP A 142 -10.65 -17.95 -2.83
HA SEP A 142 -11.92 -18.89 -0.74
HB2 SEP A 142 -11.02 -20.25 -2.54
HB3 SEP A 142 -10.71 -20.83 -1.09
N GLU A 143 -10.25 -19.09 1.22
CA GLU A 143 -9.40 -18.79 2.36
C GLU A 143 -7.91 -18.99 2.08
N PRO A 144 -7.49 -20.07 1.40
CA PRO A 144 -6.06 -20.20 1.08
C PRO A 144 -5.55 -19.04 0.24
N HIS A 145 -6.35 -18.58 -0.72
CA HIS A 145 -5.96 -17.51 -1.62
C HIS A 145 -5.84 -16.18 -0.84
N ALA A 146 -6.85 -15.88 -0.03
CA ALA A 146 -6.78 -14.71 0.83
C ALA A 146 -5.60 -14.78 1.77
N ARG A 147 -5.34 -15.97 2.32
CA ARG A 147 -4.25 -16.17 3.28
C ARG A 147 -2.88 -15.93 2.66
N PHE A 148 -2.69 -16.35 1.41
CA PHE A 148 -1.42 -16.09 0.72
C PHE A 148 -1.15 -14.59 0.64
N TYR A 149 -2.15 -13.82 0.23
CA TYR A 149 -1.96 -12.37 0.17
C TYR A 149 -1.81 -11.77 1.57
N ALA A 150 -2.62 -12.22 2.52
CA ALA A 150 -2.55 -11.70 3.87
C ALA A 150 -1.18 -11.93 4.47
N ALA A 151 -0.59 -13.11 4.24
CA ALA A 151 0.72 -13.41 4.78
C ALA A 151 1.76 -12.41 4.26
N GLN A 152 1.66 -12.04 2.99
N GLN A 152 1.66 -12.07 2.98
CA GLN A 152 2.59 -11.05 2.46
CA GLN A 152 2.53 -11.06 2.41
C GLN A 152 2.41 -9.69 3.14
C GLN A 152 2.40 -9.75 3.18
N ILE A 153 1.17 -9.31 3.44
CA ILE A 153 0.96 -8.05 4.14
C ILE A 153 1.47 -8.12 5.57
N VAL A 154 1.26 -9.25 6.26
CA VAL A 154 1.80 -9.41 7.61
C VAL A 154 3.32 -9.21 7.61
N LEU A 155 4.03 -9.86 6.69
CA LEU A 155 5.47 -9.71 6.63
C LEU A 155 5.86 -8.28 6.30
N THR A 156 5.14 -7.67 5.36
CA THR A 156 5.44 -6.29 4.97
C THR A 156 5.27 -5.34 6.13
N PHE A 157 4.20 -5.50 6.90
CA PHE A 157 3.99 -4.66 8.09
C PHE A 157 5.00 -4.96 9.18
N GLU A 158 5.42 -6.23 9.33
CA GLU A 158 6.47 -6.52 10.29
C GLU A 158 7.73 -5.72 9.94
N TYR A 159 8.08 -5.72 8.66
CA TYR A 159 9.20 -4.94 8.17
C TYR A 159 8.99 -3.44 8.40
N LEU A 160 7.89 -2.88 7.89
CA LEU A 160 7.68 -1.44 7.99
C LEU A 160 7.62 -0.96 9.43
N HIS A 161 6.85 -1.68 10.27
CA HIS A 161 6.70 -1.23 11.64
C HIS A 161 8.02 -1.29 12.40
N SER A 162 8.90 -2.23 12.07
CA SER A 162 10.20 -2.30 12.73
C SER A 162 11.07 -1.08 12.42
N LEU A 163 10.80 -0.42 11.30
CA LEU A 163 11.47 0.81 10.88
C LEU A 163 10.77 2.04 11.41
N ASP A 164 9.79 1.86 12.28
CA ASP A 164 8.96 2.94 12.81
C ASP A 164 8.07 3.57 11.74
N LEU A 165 7.72 2.83 10.69
CA LEU A 165 6.87 3.33 9.64
C LEU A 165 5.45 2.80 9.81
N ILE A 166 4.46 3.69 9.62
CA ILE A 166 3.05 3.29 9.54
C ILE A 166 2.63 3.50 8.09
N TYR A 167 1.90 2.55 7.52
CA TYR A 167 1.55 2.60 6.10
C TYR A 167 0.31 3.44 5.83
N ARG A 168 -0.79 3.16 6.54
CA ARG A 168 -1.99 4.00 6.58
C ARG A 168 -2.80 4.06 5.29
N ASP A 169 -2.55 3.22 4.30
CA ASP A 169 -3.40 3.24 3.12
C ASP A 169 -3.68 1.83 2.63
N LEU A 170 -3.77 0.85 3.55
CA LEU A 170 -4.07 -0.50 3.08
C LEU A 170 -5.50 -0.57 2.56
N LYS A 171 -5.64 -1.05 1.32
CA LYS A 171 -6.91 -1.21 0.63
C LYS A 171 -6.61 -2.03 -0.63
N PRO A 172 -7.59 -2.73 -1.20
CA PRO A 172 -7.27 -3.64 -2.31
C PRO A 172 -6.71 -2.95 -3.54
N GLU A 173 -7.04 -1.69 -3.76
CA GLU A 173 -6.53 -0.96 -4.91
C GLU A 173 -5.01 -0.74 -4.84
N ASN A 174 -4.42 -0.75 -3.65
CA ASN A 174 -3.00 -0.48 -3.49
C ASN A 174 -2.13 -1.72 -3.52
N LEU A 175 -2.71 -2.88 -3.77
CA LEU A 175 -1.98 -4.13 -3.80
C LEU A 175 -1.96 -4.57 -5.26
N LEU A 176 -0.81 -4.50 -5.90
CA LEU A 176 -0.68 -4.87 -7.30
C LEU A 176 -0.22 -6.31 -7.39
N ILE A 177 -0.73 -7.04 -8.38
N ILE A 177 -0.73 -7.05 -8.37
CA ILE A 177 -0.35 -8.44 -8.57
CA ILE A 177 -0.35 -8.44 -8.54
C ILE A 177 0.74 -8.49 -9.63
C ILE A 177 0.70 -8.55 -9.63
N ASP A 178 1.85 -9.13 -9.27
CA ASP A 178 3.01 -9.12 -10.13
C ASP A 178 3.07 -10.34 -11.04
N GLN A 179 4.16 -10.43 -11.79
CA GLN A 179 4.31 -11.43 -12.82
C GLN A 179 4.38 -12.85 -12.24
N GLN A 180 4.66 -12.99 -10.96
CA GLN A 180 4.66 -14.27 -10.27
C GLN A 180 3.39 -14.50 -9.47
N GLY A 181 2.43 -13.58 -9.50
CA GLY A 181 1.22 -13.70 -8.72
C GLY A 181 1.34 -13.23 -7.29
N TYR A 182 2.46 -12.62 -6.92
CA TYR A 182 2.66 -12.06 -5.59
C TYR A 182 2.22 -10.60 -5.55
N ILE A 183 1.97 -10.12 -4.35
N ILE A 183 1.92 -10.11 -4.39
CA ILE A 183 1.63 -8.73 -4.08
CA ILE A 183 1.52 -8.73 -4.19
C ILE A 183 2.85 -7.85 -4.16
C ILE A 183 2.74 -7.83 -4.07
N GLN A 184 2.62 -6.63 -4.63
CA GLN A 184 3.52 -5.52 -4.35
C GLN A 184 2.67 -4.33 -3.98
N VAL A 185 2.98 -3.72 -2.84
CA VAL A 185 2.22 -2.59 -2.32
C VAL A 185 2.70 -1.32 -2.98
N THR A 186 1.76 -0.52 -3.48
CA THR A 186 2.03 0.77 -4.08
C THR A 186 1.25 1.86 -3.32
N ASP A 187 1.72 3.09 -3.50
CA ASP A 187 1.15 4.31 -2.96
C ASP A 187 1.51 4.47 -1.49
N PHE A 188 2.60 5.19 -1.26
CA PHE A 188 3.09 5.51 0.07
C PHE A 188 2.69 6.95 0.46
N GLY A 189 1.64 7.48 -0.15
CA GLY A 189 1.23 8.85 0.09
C GLY A 189 0.83 9.17 1.51
N PHE A 190 0.38 8.16 2.29
CA PHE A 190 0.06 8.36 3.69
C PHE A 190 1.07 7.71 4.62
N ALA A 191 2.12 7.10 4.10
CA ALA A 191 3.09 6.43 4.96
C ALA A 191 3.90 7.49 5.72
N LYS A 192 4.28 7.16 6.96
CA LYS A 192 4.96 8.14 7.80
C LYS A 192 5.86 7.43 8.78
N ARG A 193 7.01 8.04 9.08
CA ARG A 193 7.86 7.57 10.14
C ARG A 193 7.40 8.21 11.45
N VAL A 194 6.99 7.37 12.40
CA VAL A 194 6.27 7.73 13.62
C VAL A 194 6.87 6.91 14.75
N LYS A 195 7.54 7.55 15.71
N LYS A 195 7.49 7.58 15.72
CA LYS A 195 8.08 6.75 16.80
CA LYS A 195 7.76 6.99 17.02
C LYS A 195 7.09 6.58 17.95
C LYS A 195 6.69 7.51 17.96
N GLY A 196 6.01 7.35 17.96
N GLY A 196 5.86 6.61 18.43
CA GLY A 196 5.01 7.27 19.01
CA GLY A 196 4.73 6.99 19.25
C GLY A 196 3.58 7.28 18.49
C GLY A 196 3.52 7.27 18.37
N ARG A 197 2.95 8.45 18.54
CA ARG A 197 1.61 8.70 18.04
C ARG A 197 1.65 9.66 16.86
N THR A 198 0.59 9.63 16.05
CA THR A 198 0.36 10.62 15.00
C THR A 198 -1.14 10.90 14.95
N TRP A 199 -1.53 11.98 14.25
CA TRP A 199 -2.89 12.49 14.34
C TRP A 199 -3.64 12.75 13.04
N TPO A 200 -3.01 12.64 11.87
CA TPO A 200 -3.68 13.09 10.67
CB TPO A 200 -2.68 13.18 9.50
CG2 TPO A 200 -3.33 13.90 8.31
OG1 TPO A 200 -1.56 13.95 9.92
P TPO A 200 -0.17 13.16 9.97
O1P TPO A 200 0.86 14.16 10.59
O2P TPO A 200 0.18 12.74 8.58
O3P TPO A 200 -0.38 11.94 10.92
C TPO A 200 -4.84 12.20 10.29
O TPO A 200 -4.73 10.97 10.24
H TPO A 200 -2.22 12.30 11.75
HA TPO A 200 -4.03 13.99 10.84
HB TPO A 200 -2.36 12.17 9.20
HG21 TPO A 200 -2.61 13.95 7.48
HG22 TPO A 200 -3.61 14.91 8.61
HG23 TPO A 200 -4.21 13.35 7.98
N LEU A 201 -5.95 12.80 9.92
CA LEU A 201 -7.07 12.07 9.33
C LEU A 201 -6.74 11.72 7.89
N CYS A 202 -6.54 10.43 7.61
CA CYS A 202 -6.26 9.98 6.25
C CYS A 202 -6.58 8.49 6.17
N GLY A 203 -6.84 8.04 4.94
CA GLY A 203 -7.25 6.69 4.61
C GLY A 203 -8.68 6.59 4.07
N THR A 204 -8.98 5.48 3.43
N THR A 204 -8.96 5.50 3.49
CA THR A 204 -10.29 5.35 2.82
CA THR A 204 -10.26 5.30 2.85
C THR A 204 -11.30 4.93 3.88
C THR A 204 -11.30 4.91 3.89
N PRO A 205 -12.53 5.44 3.80
CA PRO A 205 -13.49 5.23 4.89
C PRO A 205 -13.64 3.79 5.37
N GLU A 206 -13.78 2.83 4.46
N GLU A 206 -13.76 2.84 4.44
CA GLU A 206 -14.08 1.46 4.88
CA GLU A 206 -14.05 1.45 4.80
C GLU A 206 -12.95 0.86 5.71
C GLU A 206 -12.93 0.80 5.62
N TYR A 207 -11.74 1.38 5.58
CA TYR A 207 -10.55 0.80 6.20
C TYR A 207 -10.09 1.54 7.44
N LEU A 208 -10.75 2.64 7.83
CA LEU A 208 -10.27 3.43 8.96
C LEU A 208 -10.52 2.73 10.29
N ALA A 209 -9.50 2.75 11.16
CA ALA A 209 -9.66 2.24 12.51
C ALA A 209 -10.50 3.21 13.32
N PRO A 210 -11.17 2.72 14.37
CA PRO A 210 -12.00 3.62 15.20
C PRO A 210 -11.23 4.81 15.72
N GLU A 211 -9.97 4.62 16.14
CA GLU A 211 -9.24 5.71 16.75
C GLU A 211 -8.91 6.82 15.76
N ILE A 212 -8.86 6.50 14.46
CA ILE A 212 -8.74 7.55 13.45
C ILE A 212 -10.05 8.32 13.34
N ILE A 213 -11.17 7.60 13.25
CA ILE A 213 -12.47 8.24 13.15
C ILE A 213 -12.71 9.16 14.33
N LEU A 214 -12.30 8.76 15.53
CA LEU A 214 -12.51 9.49 16.75
C LEU A 214 -11.46 10.57 17.00
N SER A 215 -10.57 10.82 16.05
N SER A 215 -10.56 10.78 16.04
CA SER A 215 -9.63 11.94 16.12
CA SER A 215 -9.64 11.91 16.09
C SER A 215 -8.64 11.79 17.27
C SER A 215 -8.67 11.80 17.27
N LYS A 216 -8.24 10.57 17.58
CA LYS A 216 -7.27 10.31 18.62
C LYS A 216 -5.85 10.32 18.06
N GLY A 217 -4.88 10.39 18.97
CA GLY A 217 -3.51 10.09 18.62
C GLY A 217 -3.37 8.60 18.45
N TYR A 218 -2.94 8.15 17.30
CA TYR A 218 -2.97 6.73 17.00
C TYR A 218 -1.58 6.25 16.58
N ASN A 219 -1.44 4.94 16.45
CA ASN A 219 -0.14 4.31 16.22
C ASN A 219 -0.30 3.20 15.18
N LYS A 220 0.71 2.33 15.10
CA LYS A 220 0.75 1.29 14.07
C LYS A 220 -0.39 0.29 14.19
N ALA A 221 -1.12 0.29 15.30
CA ALA A 221 -2.26 -0.59 15.41
C ALA A 221 -3.30 -0.32 14.33
N VAL A 222 -3.33 0.88 13.76
CA VAL A 222 -4.29 1.15 12.69
C VAL A 222 -4.02 0.28 11.47
N ASP A 223 -2.76 -0.07 11.22
CA ASP A 223 -2.45 -0.92 10.07
C ASP A 223 -2.99 -2.33 10.31
N TRP A 224 -2.90 -2.82 11.55
CA TRP A 224 -3.40 -4.15 11.85
C TRP A 224 -4.92 -4.21 11.77
N TRP A 225 -5.63 -3.15 12.21
CA TRP A 225 -7.06 -3.05 11.97
C TRP A 225 -7.36 -3.15 10.48
N ALA A 226 -6.65 -2.37 9.67
CA ALA A 226 -6.86 -2.36 8.24
C ALA A 226 -6.61 -3.74 7.63
N LEU A 227 -5.64 -4.49 8.16
CA LEU A 227 -5.44 -5.87 7.70
C LEU A 227 -6.69 -6.70 7.97
N GLY A 228 -7.31 -6.55 9.13
CA GLY A 228 -8.55 -7.25 9.38
C GLY A 228 -9.61 -6.93 8.35
N VAL A 229 -9.75 -5.64 8.00
CA VAL A 229 -10.72 -5.25 6.98
C VAL A 229 -10.38 -5.92 5.66
N LEU A 230 -9.09 -5.89 5.28
CA LEU A 230 -8.66 -6.47 4.01
C LEU A 230 -8.94 -7.96 3.95
N ILE A 231 -8.61 -8.68 5.01
CA ILE A 231 -8.82 -10.13 5.01
C ILE A 231 -10.32 -10.43 4.89
N TYR A 232 -11.13 -9.72 5.66
CA TYR A 232 -12.58 -9.88 5.56
C TYR A 232 -13.04 -9.65 4.13
N GLU A 233 -12.61 -8.53 3.54
CA GLU A 233 -13.08 -8.20 2.19
C GLU A 233 -12.62 -9.24 1.17
N MET A 234 -11.37 -9.69 1.26
CA MET A 234 -10.90 -10.73 0.35
C MET A 234 -11.74 -12.01 0.46
N ALA A 235 -12.06 -12.42 1.69
CA ALA A 235 -12.75 -13.69 1.91
C ALA A 235 -14.26 -13.61 1.71
N ALA A 236 -14.86 -12.44 1.92
CA ALA A 236 -16.31 -12.26 1.75
C ALA A 236 -16.68 -11.68 0.41
N GLY A 237 -15.84 -10.82 -0.16
CA GLY A 237 -16.13 -10.10 -1.38
C GLY A 237 -16.59 -8.67 -1.13
N TYR A 238 -16.77 -8.27 0.11
CA TYR A 238 -17.23 -6.94 0.49
C TYR A 238 -16.65 -6.65 1.87
N PRO A 239 -16.51 -5.40 2.24
CA PRO A 239 -15.86 -5.08 3.51
C PRO A 239 -16.84 -5.17 4.66
N PRO A 240 -16.32 -5.30 5.89
CA PRO A 240 -17.18 -5.62 7.02
C PRO A 240 -18.09 -4.51 7.46
N PHE A 241 -17.75 -3.26 7.21
N PHE A 241 -17.67 -3.27 7.25
CA PHE A 241 -18.53 -2.16 7.76
CA PHE A 241 -18.46 -2.09 7.55
C PHE A 241 -19.27 -1.42 6.66
C PHE A 241 -18.73 -1.49 6.19
N PHE A 242 -19.57 -2.12 5.59
N PHE A 242 -19.72 -2.05 5.51
CA PHE A 242 -20.13 -1.50 4.41
CA PHE A 242 -20.19 -1.54 4.24
C PHE A 242 -21.40 -0.72 4.72
C PHE A 242 -21.50 -0.81 4.46
N ALA A 243 -21.52 0.46 4.10
CA ALA A 243 -22.76 1.23 4.11
C ALA A 243 -22.68 2.21 2.95
N ASP A 244 -23.80 2.88 2.68
CA ASP A 244 -23.91 3.72 1.50
C ASP A 244 -23.13 5.03 1.61
N GLN A 245 -23.01 5.62 2.80
CA GLN A 245 -22.35 6.90 2.99
C GLN A 245 -21.30 6.79 4.09
N PRO A 246 -20.23 7.61 4.03
CA PRO A 246 -19.18 7.51 5.06
C PRO A 246 -19.68 7.59 6.49
N ILE A 247 -20.61 8.48 6.82
CA ILE A 247 -21.01 8.59 8.23
C ILE A 247 -21.61 7.28 8.72
N GLN A 248 -22.34 6.55 7.86
CA GLN A 248 -22.92 5.27 8.26
C GLN A 248 -21.84 4.22 8.42
N ILE A 249 -20.83 4.25 7.54
CA ILE A 249 -19.68 3.38 7.70
C ILE A 249 -19.02 3.62 9.06
N TYR A 250 -18.80 4.88 9.39
CA TYR A 250 -18.09 5.21 10.63
C TYR A 250 -18.85 4.76 11.86
N GLU A 251 -20.19 4.91 11.84
CA GLU A 251 -21.00 4.43 12.95
C GLU A 251 -20.83 2.93 13.15
N LYS A 252 -20.78 2.17 12.05
CA LYS A 252 -20.57 0.73 12.17
C LYS A 252 -19.17 0.42 12.67
N ILE A 253 -18.14 1.12 12.18
CA ILE A 253 -16.77 0.87 12.63
C ILE A 253 -16.65 1.03 14.12
N VAL A 254 -17.17 2.14 14.67
CA VAL A 254 -16.94 2.41 16.08
C VAL A 254 -17.79 1.55 17.00
N SER A 255 -18.81 0.85 16.45
CA SER A 255 -19.81 0.13 17.25
C SER A 255 -19.29 -1.09 18.04
N GLY A 256 -18.21 -1.72 17.61
CA GLY A 256 -17.76 -2.94 18.23
C GLY A 256 -18.47 -4.20 17.77
N LYS A 257 -19.29 -4.11 16.71
CA LYS A 257 -20.05 -5.24 16.17
C LYS A 257 -19.59 -5.53 14.74
N VAL A 258 -19.44 -6.80 14.42
CA VAL A 258 -19.16 -7.26 13.06
C VAL A 258 -19.91 -8.56 12.86
N ARG A 259 -20.44 -8.77 11.66
CA ARG A 259 -21.11 -10.01 11.32
C ARG A 259 -20.29 -10.72 10.26
N PHE A 260 -20.17 -12.02 10.39
CA PHE A 260 -19.37 -12.82 9.50
C PHE A 260 -20.25 -13.73 8.64
N PRO A 261 -19.94 -13.90 7.36
CA PRO A 261 -20.63 -14.92 6.56
C PRO A 261 -20.49 -16.29 7.20
N SER A 262 -21.55 -17.09 7.08
CA SER A 262 -21.46 -18.46 7.61
C SER A 262 -20.37 -19.29 6.93
N HIS A 263 -19.99 -18.95 5.70
CA HIS A 263 -18.96 -19.73 5.05
C HIS A 263 -17.58 -19.50 5.65
N PHE A 264 -17.36 -18.42 6.40
CA PHE A 264 -16.05 -18.24 7.05
C PHE A 264 -15.77 -19.39 8.01
N SER A 265 -14.51 -19.84 8.02
CA SER A 265 -14.08 -20.82 9.02
C SER A 265 -14.07 -20.19 10.42
N SER A 266 -14.14 -21.06 11.42
CA SER A 266 -14.03 -20.58 12.79
C SER A 266 -12.69 -19.90 13.03
N ASP A 267 -11.61 -20.44 12.48
CA ASP A 267 -10.30 -19.82 12.65
C ASP A 267 -10.27 -18.42 12.04
N LEU A 268 -10.86 -18.25 10.87
CA LEU A 268 -10.88 -16.93 10.25
C LEU A 268 -11.66 -15.95 11.11
N LYS A 269 -12.84 -16.35 11.60
CA LYS A 269 -13.62 -15.46 12.45
C LYS A 269 -12.83 -15.07 13.69
N ASP A 270 -12.14 -16.02 14.32
CA ASP A 270 -11.39 -15.72 15.52
C ASP A 270 -10.28 -14.71 15.23
N LEU A 271 -9.52 -14.92 14.15
CA LEU A 271 -8.48 -13.96 13.81
C LEU A 271 -9.07 -12.58 13.60
N LEU A 272 -10.16 -12.53 12.84
CA LEU A 272 -10.77 -11.24 12.52
C LEU A 272 -11.32 -10.53 13.73
N ARG A 273 -11.90 -11.25 14.69
CA ARG A 273 -12.35 -10.56 15.90
C ARG A 273 -11.19 -9.91 16.63
N ASN A 274 -10.00 -10.49 16.55
CA ASN A 274 -8.83 -9.96 17.24
C ASN A 274 -8.13 -8.84 16.46
N LEU A 275 -8.26 -8.81 15.14
CA LEU A 275 -7.77 -7.69 14.34
C LEU A 275 -8.74 -6.51 14.34
N LEU A 276 -10.04 -6.82 14.24
CA LEU A 276 -11.11 -5.83 14.25
C LEU A 276 -11.57 -5.53 15.66
N GLN A 277 -10.64 -5.44 16.58
CA GLN A 277 -10.87 -5.12 17.96
C GLN A 277 -10.88 -3.60 18.11
N VAL A 278 -12.00 -3.06 18.57
N VAL A 278 -12.01 -3.05 18.52
CA VAL A 278 -12.13 -1.60 18.64
CA VAL A 278 -12.12 -1.59 18.66
C VAL A 278 -11.24 -1.01 19.73
C VAL A 278 -11.10 -1.07 19.65
N ASP A 279 -10.92 -1.77 20.77
CA ASP A 279 -10.01 -1.32 21.81
C ASP A 279 -8.60 -1.61 21.31
N LEU A 280 -7.88 -0.56 20.93
CA LEU A 280 -6.57 -0.73 20.31
C LEU A 280 -5.59 -1.40 21.26
N THR A 281 -5.82 -1.33 22.57
CA THR A 281 -4.92 -1.95 23.54
C THR A 281 -5.11 -3.45 23.61
N LYS A 282 -6.14 -3.98 22.97
CA LYS A 282 -6.45 -5.40 22.91
C LYS A 282 -6.33 -5.98 21.50
N ARG A 283 -5.86 -5.20 20.54
CA ARG A 283 -5.86 -5.62 19.15
C ARG A 283 -4.62 -6.40 18.79
N PHE A 284 -4.81 -7.52 18.09
CA PHE A 284 -3.67 -8.28 17.60
C PHE A 284 -2.77 -7.40 16.75
N GLY A 285 -1.47 -7.62 16.93
CA GLY A 285 -0.43 -6.81 16.36
C GLY A 285 0.03 -5.71 17.28
N ASN A 286 -0.75 -5.41 18.32
CA ASN A 286 -0.45 -4.33 19.25
C ASN A 286 -0.34 -4.84 20.68
N LEU A 287 -0.23 -6.15 20.88
CA LEU A 287 -0.06 -6.72 22.22
C LEU A 287 1.44 -6.96 22.48
N LYS A 288 1.74 -7.52 23.67
CA LYS A 288 3.13 -7.72 24.05
C LYS A 288 3.90 -8.58 23.04
N ASN A 289 3.25 -9.58 22.45
CA ASN A 289 3.92 -10.44 21.48
C ASN A 289 3.87 -9.92 20.05
N GLY A 290 3.33 -8.73 19.85
CA GLY A 290 3.43 -8.07 18.57
C GLY A 290 2.87 -8.90 17.42
N VAL A 291 3.63 -8.93 16.33
CA VAL A 291 3.18 -9.61 15.12
C VAL A 291 3.05 -11.11 15.34
N ASN A 292 3.74 -11.68 16.34
CA ASN A 292 3.72 -13.12 16.49
C ASN A 292 2.34 -13.65 16.92
N ASP A 293 1.50 -12.83 17.55
CA ASP A 293 0.14 -13.29 17.82
C ASP A 293 -0.61 -13.56 16.52
N ILE A 294 -0.30 -12.81 15.47
CA ILE A 294 -0.88 -13.04 14.15
C ILE A 294 -0.22 -14.23 13.46
N LYS A 295 1.12 -14.25 13.41
CA LYS A 295 1.82 -15.28 12.66
C LYS A 295 1.56 -16.66 13.24
N ASN A 296 1.36 -16.76 14.56
CA ASN A 296 1.11 -18.02 15.25
C ASN A 296 -0.36 -18.38 15.36
N HIS A 297 -1.26 -17.56 14.84
CA HIS A 297 -2.67 -17.89 14.92
C HIS A 297 -2.98 -19.12 14.06
N LYS A 298 -3.95 -19.93 14.51
CA LYS A 298 -4.34 -21.12 13.77
C LYS A 298 -4.73 -20.85 12.30
N TRP A 299 -5.30 -19.68 11.98
CA TRP A 299 -5.65 -19.45 10.59
C TRP A 299 -4.42 -19.47 9.71
N PHE A 300 -3.25 -19.15 10.26
CA PHE A 300 -1.99 -19.17 9.51
C PHE A 300 -1.19 -20.46 9.72
N ALA A 301 -1.78 -21.51 10.28
CA ALA A 301 -1.00 -22.71 10.58
C ALA A 301 -0.35 -23.32 9.36
N THR A 302 -0.96 -23.22 8.19
CA THR A 302 -0.40 -23.80 6.98
C THR A 302 0.60 -22.89 6.28
N THR A 303 0.84 -21.69 6.79
CA THR A 303 1.68 -20.70 6.10
C THR A 303 3.14 -20.95 6.42
N ASP A 304 3.94 -21.06 5.38
CA ASP A 304 5.39 -21.17 5.49
C ASP A 304 5.95 -19.77 5.29
N TRP A 305 6.15 -19.05 6.41
CA TRP A 305 6.50 -17.63 6.34
C TRP A 305 7.78 -17.40 5.56
N ILE A 306 8.80 -18.24 5.78
CA ILE A 306 10.07 -18.06 5.08
C ILE A 306 9.88 -18.30 3.58
N ALA A 307 9.14 -19.35 3.22
CA ALA A 307 8.98 -19.66 1.81
C ALA A 307 8.24 -18.53 1.09
N ILE A 308 7.25 -17.93 1.77
N ILE A 308 7.29 -17.88 1.76
CA ILE A 308 6.55 -16.76 1.20
CA ILE A 308 6.60 -16.78 1.10
C ILE A 308 7.55 -15.65 0.95
C ILE A 308 7.54 -15.59 0.95
N TYR A 309 8.31 -15.29 1.99
CA TYR A 309 9.30 -14.22 1.88
C TYR A 309 10.27 -14.46 0.73
N GLN A 310 10.71 -15.70 0.55
CA GLN A 310 11.65 -16.06 -0.50
C GLN A 310 10.99 -16.26 -1.86
N ARG A 311 9.67 -16.07 -1.97
CA ARG A 311 8.96 -16.22 -3.24
C ARG A 311 9.11 -17.64 -3.79
N LYS A 312 9.07 -18.63 -2.90
CA LYS A 312 9.21 -20.02 -3.29
C LYS A 312 7.87 -20.76 -3.34
N VAL A 313 6.78 -20.15 -2.90
CA VAL A 313 5.44 -20.73 -2.90
C VAL A 313 4.80 -20.39 -4.27
N GLU A 314 4.16 -21.36 -4.91
CA GLU A 314 3.38 -21.04 -6.10
C GLU A 314 2.18 -20.20 -5.71
N ALA A 315 1.95 -19.12 -6.44
CA ALA A 315 0.87 -18.20 -6.13
C ALA A 315 -0.50 -18.76 -6.56
N PRO A 316 -1.58 -18.17 -6.01
CA PRO A 316 -2.93 -18.60 -6.37
C PRO A 316 -3.24 -18.51 -7.85
N PHE A 317 -2.80 -17.43 -8.51
CA PHE A 317 -2.91 -17.34 -9.96
C PHE A 317 -1.89 -16.35 -10.46
N ILE A 318 -1.51 -16.53 -11.71
CA ILE A 318 -0.68 -15.59 -12.44
C ILE A 318 -1.64 -14.71 -13.23
N PRO A 319 -1.57 -13.40 -13.10
CA PRO A 319 -2.46 -12.56 -13.89
C PRO A 319 -2.19 -12.76 -15.37
N LYS A 320 -3.22 -12.57 -16.18
CA LYS A 320 -3.09 -12.67 -17.63
C LYS A 320 -2.61 -11.34 -18.19
N PHE A 321 -1.44 -11.33 -18.80
CA PHE A 321 -0.91 -10.14 -19.43
C PHE A 321 0.11 -10.61 -20.45
N LYS A 322 0.41 -9.76 -21.43
CA LYS A 322 1.21 -10.17 -22.57
C LYS A 322 2.68 -9.85 -22.45
N GLY A 323 3.05 -8.96 -21.55
CA GLY A 323 4.43 -8.53 -21.44
C GLY A 323 4.53 -7.35 -20.52
N PRO A 324 5.76 -6.88 -20.29
CA PRO A 324 5.98 -5.84 -19.29
C PRO A 324 5.36 -4.51 -19.64
N GLY A 325 4.97 -4.28 -20.89
CA GLY A 325 4.30 -3.07 -21.31
C GLY A 325 2.79 -3.19 -21.43
N ASP A 326 2.21 -4.32 -21.10
N ASP A 326 2.22 -4.33 -21.07
CA ASP A 326 0.78 -4.50 -21.30
CA ASP A 326 0.79 -4.57 -21.17
C ASP A 326 0.02 -3.75 -20.20
C ASP A 326 0.04 -3.70 -20.15
N THR A 327 -0.97 -2.97 -20.62
CA THR A 327 -1.81 -2.18 -19.73
C THR A 327 -3.23 -2.71 -19.60
N SER A 328 -3.50 -3.92 -20.12
N SER A 328 -3.50 -3.93 -20.11
CA SER A 328 -4.86 -4.44 -20.18
CA SER A 328 -4.86 -4.46 -20.19
C SER A 328 -5.52 -4.57 -18.82
C SER A 328 -5.52 -4.69 -18.83
N ASN A 329 -4.75 -4.81 -17.76
CA ASN A 329 -5.31 -5.01 -16.43
C ASN A 329 -5.58 -3.73 -15.69
N PHE A 330 -5.30 -2.59 -16.31
CA PHE A 330 -5.60 -1.27 -15.77
C PHE A 330 -6.64 -0.61 -16.66
N ASP A 331 -7.20 0.50 -16.17
N ASP A 331 -7.19 0.48 -16.21
CA ASP A 331 -8.37 1.12 -16.79
CA ASP A 331 -8.35 1.02 -16.90
C ASP A 331 -7.99 2.26 -17.72
C ASP A 331 -8.02 2.36 -17.57
N ASP A 332 -9.00 2.88 -18.29
CA ASP A 332 -8.82 3.93 -19.28
C ASP A 332 -9.23 5.28 -18.73
N TYR A 333 -8.36 6.27 -18.92
CA TYR A 333 -8.53 7.64 -18.43
C TYR A 333 -8.25 8.61 -19.56
N GLU A 334 -8.89 9.77 -19.50
CA GLU A 334 -8.56 10.84 -20.44
C GLU A 334 -7.06 11.15 -20.34
N GLU A 335 -6.40 11.30 -21.48
CA GLU A 335 -4.98 11.60 -21.52
C GLU A 335 -4.79 13.12 -21.50
N GLU A 336 -4.15 13.61 -20.44
CA GLU A 336 -3.85 15.04 -20.25
C GLU A 336 -2.35 15.30 -20.35
N GLU A 337 -2.01 16.55 -20.68
N GLU A 337 -1.97 16.50 -20.76
CA GLU A 337 -0.63 17.01 -20.82
CA GLU A 337 -0.56 16.79 -20.97
C GLU A 337 0.16 16.83 -19.54
C GLU A 337 0.17 16.91 -19.62
N ILE A 338 1.48 16.69 -19.68
CA ILE A 338 2.42 16.92 -18.58
C ILE A 338 3.09 18.26 -18.88
N ARG A 339 2.42 19.33 -18.50
CA ARG A 339 2.93 20.66 -18.75
C ARG A 339 3.84 21.09 -17.62
N VAL A 340 4.95 21.72 -17.98
CA VAL A 340 5.92 22.20 -17.04
C VAL A 340 6.03 23.72 -17.22
N SEP A 341 5.71 24.45 -16.17
CA SEP A 341 5.67 25.89 -16.21
CB SEP A 341 5.17 26.44 -14.88
OG SEP A 341 5.24 27.86 -14.84
C SEP A 341 7.04 26.43 -16.53
O SEP A 341 8.06 25.83 -16.24
P SEP A 341 4.06 28.71 -15.55
O1P SEP A 341 4.51 28.81 -17.06
O2P SEP A 341 4.11 30.09 -14.82
O3P SEP A 341 2.65 27.97 -15.35
H SEP A 341 5.49 24.11 -15.40
HA SEP A 341 5.05 26.17 -16.92
HB2 SEP A 341 5.72 26.07 -14.16
HB3 SEP A 341 4.25 26.16 -14.75
N ILE A 342 7.04 27.60 -17.15
CA ILE A 342 8.30 28.29 -17.40
C ILE A 342 8.85 28.95 -16.11
N ASN A 343 8.04 29.00 -15.05
CA ASN A 343 8.44 29.56 -13.76
C ASN A 343 8.37 28.49 -12.68
N GLU A 344 9.36 28.48 -11.78
CA GLU A 344 9.36 27.50 -10.68
C GLU A 344 8.20 27.77 -9.72
N LYS A 345 7.44 26.72 -9.39
CA LYS A 345 6.36 26.81 -8.42
C LYS A 345 6.74 26.13 -7.13
N CYS A 346 6.43 26.79 -6.00
CA CYS A 346 6.50 26.14 -4.70
C CYS A 346 7.89 25.55 -4.43
N GLY A 347 8.93 26.27 -4.88
CA GLY A 347 10.28 25.74 -4.70
C GLY A 347 10.64 25.52 -3.25
N LYS A 348 10.32 26.48 -2.39
CA LYS A 348 10.67 26.37 -0.99
C LYS A 348 10.04 25.15 -0.34
N GLU A 349 8.74 24.94 -0.59
CA GLU A 349 8.02 23.86 0.07
C GLU A 349 8.64 22.50 -0.24
N PHE A 350 9.20 22.33 -1.44
CA PHE A 350 9.67 21.03 -1.89
C PHE A 350 11.19 20.95 -2.00
N THR A 351 11.90 21.84 -1.30
CA THR A 351 13.36 21.85 -1.34
C THR A 351 13.96 20.46 -1.14
N GLU A 352 13.47 19.68 -0.16
CA GLU A 352 14.13 18.42 0.14
C GLU A 352 13.82 17.31 -0.85
N PHE A 353 12.84 17.48 -1.70
CA PHE A 353 12.46 16.40 -2.60
C PHE A 353 13.57 16.15 -3.63
C1 MRD B . -3.72 3.80 -10.36
C2 MRD B . -2.89 2.56 -10.01
O2 MRD B . -2.33 2.78 -8.70
CM MRD B . -3.75 1.33 -9.80
C3 MRD B . -1.79 2.31 -11.07
C4 MRD B . -0.74 1.27 -10.67
O4 MRD B . -0.03 1.85 -9.61
C5 MRD B . 0.22 0.93 -11.81
H1C1 MRD B . -3.35 4.24 -11.29
H1C2 MRD B . -4.76 3.51 -10.48
H1C3 MRD B . -3.64 4.52 -9.55
H2 MRD B . -1.36 2.73 -8.74
HMC1 MRD B . -3.39 0.52 -10.45
HMC2 MRD B . -3.68 1.01 -8.76
HMC3 MRD B . -4.78 1.55 -10.05
H3C1 MRD B . -1.29 3.25 -11.26
H3C2 MRD B . -2.27 2.00 -11.99
H4 MRD B . -1.25 0.36 -10.34
HA MRD B . 0.78 1.33 -9.45
H5C1 MRD B . 1.23 1.21 -11.52
H5C2 MRD B . -0.07 1.47 -12.70
H5C3 MRD B . 0.18 -0.14 -12.01
C1 MPD C . 10.11 13.76 7.59
C2 MPD C . 10.21 14.31 6.17
O2 MPD C . 11.60 14.59 5.82
CM MPD C . 9.79 13.29 5.15
C3 MPD C . 9.35 15.56 5.93
C4 MPD C . 9.75 16.84 6.66
O4 MPD C . 11.11 17.19 6.48
C5 MPD C . 8.89 18.01 6.17
H11 MPD C . 9.42 14.37 8.17
H12 MPD C . 11.09 13.78 8.06
H13 MPD C . 9.74 12.74 7.55
HO2 MPD C . 11.69 15.51 5.51
HM1 MPD C . 9.01 13.71 4.53
HM2 MPD C . 10.65 13.03 4.54
HM3 MPD C . 9.42 12.40 5.67
H31 MPD C . 9.35 15.77 4.86
H32 MPD C . 8.32 15.32 6.20
H4 MPD C . 9.55 16.69 7.73
HO4 MPD C . 11.40 17.80 7.19
H51 MPD C . 9.55 18.80 5.80
H52 MPD C . 8.25 17.66 5.36
H53 MPD C . 8.29 18.39 6.99
C4 8G5 D . 10.36 -14.28 7.02
C5 8G5 D . 9.50 -14.01 8.20
C6 8G5 D . 10.94 -12.21 7.92
N1 8G5 D . 13.79 -16.51 10.28
C7 8G5 D . 11.81 -11.45 8.90
C8 8G5 D . 11.06 -10.32 9.56
C9 8G5 D . 10.45 -9.38 8.52
C10 8G5 D . 9.55 -10.14 7.57
C11 8G5 D . 10.32 -11.26 6.88
O 8G5 D . 8.75 -14.76 8.79
O1 8G5 D . 9.83 -12.80 8.71
C3 8G5 D . 11.56 -13.47 7.38
C1 8G5 D . 12.74 -14.13 7.93
N 8G5 D . 12.53 -15.11 8.90
C2 8G5 D . 13.68 -15.53 9.38
S 8G5 D . 15.08 -14.76 8.70
C 8G5 D . 14.04 -13.83 7.70
H4 8G5 D . 10.56 -15.33 6.88
H5 8G5 D . 9.86 -13.96 6.10
H3 8G5 D . 14.71 -16.79 10.62
H2 8G5 D . 12.98 -16.99 10.65
H7 8G5 D . 12.17 -12.14 9.67
H6 8G5 D . 12.71 -11.08 8.42
H8 8G5 D . 10.28 -10.72 10.21
H9 8G5 D . 11.71 -9.76 10.22
H11 8G5 D . 9.89 -8.59 9.01
H10 8G5 D . 11.24 -8.87 7.98
H13 8G5 D . 9.14 -9.46 6.83
H12 8G5 D . 8.69 -10.54 8.10
H14 8G5 D . 11.12 -10.87 6.27
H15 8G5 D . 9.67 -11.80 6.21
H 8G5 D . 11.94 -13.16 6.41
H1 8G5 D . 14.48 -13.12 7.00
S DMS E . 17.75 -7.43 4.51
O DMS E . 16.84 -6.27 4.39
C1 DMS E . 17.92 -7.99 6.21
C2 DMS E . 17.45 -8.87 3.45
H11 DMS E . 18.39 -7.24 6.79
H12 DMS E . 16.96 -8.19 6.61
H13 DMS E . 18.50 -8.87 6.23
H21 DMS E . 16.45 -9.20 3.58
H22 DMS E . 18.12 -9.64 3.72
H23 DMS E . 17.60 -8.60 2.44
#